data_9JCA
#
_entry.id   9JCA
#
_cell.length_a   96.730
_cell.length_b   96.730
_cell.length_c   207.397
_cell.angle_alpha   90.000
_cell.angle_beta   90.000
_cell.angle_gamma   120.000
#
_symmetry.space_group_name_H-M   'P 61 2 2'
#
loop_
_entity.id
_entity.type
_entity.pdbx_description
1 polymer Lipase
2 non-polymer 2-acetamido-2-deoxy-beta-D-glucopyranose
#
_entity_poly.entity_id   1
_entity_poly.type   'polypeptide(L)'
_entity_poly.pdbx_seq_one_letter_code
;VMHHHHHHVPMERRAPFPDPNDDPFYKTPSNIGTYANGQVIQSRKAPTDIGNQNGADSFQLSYRTTNTQKEAQANVATVF
IPSKPASPPKIFSYQVYEDSTQLNCAPSYSYLTGFDEPNKVTTVLDTPIIISWALQQGYYVVSSDHEGPRSAFIAGYEEG
MAILDGIRAFKNFKNLPEDIGVGFYGYSGGAHATAWAVSLAEGYAPEIKIDGAAYGGTPASAKDTFTFLNKGFFAGFAVA
GVSGLALAHPDMEAFLEPRLNAKGKQVFEQIRSRGFCLPSVVLHNNFVDVFSLVNDTNLLIEEPIAGILKQETLVQAEAS
YTVPVPKFPRFMWHALPDEIVPFQPAANYVKEQCQKGANINWNVYPIAEHVTAEIFGLVPGLDFLSKAFKGQTPKVACGS
GVPAIPGINSPSTQNVLGSDLANQLNSLKGQQSAFGKPFGSVSPPL
;
_entity_poly.pdbx_strand_id   A
#
loop_
_chem_comp.id
_chem_comp.type
_chem_comp.name
_chem_comp.formula
NAG D-saccharide, beta linking 2-acetamido-2-deoxy-beta-D-glucopyranose 'C8 H15 N O6'
#
# COMPACT_ATOMS: atom_id res chain seq x y z
N GLU A 12 -14.14 -26.65 -2.64
CA GLU A 12 -15.33 -27.49 -2.75
C GLU A 12 -16.54 -26.84 -2.08
N ARG A 13 -16.35 -25.62 -1.59
CA ARG A 13 -17.39 -24.84 -0.93
C ARG A 13 -17.50 -23.52 -1.65
N ARG A 14 -18.59 -22.80 -1.40
CA ARG A 14 -18.94 -21.60 -2.14
C ARG A 14 -18.91 -20.37 -1.22
N ALA A 15 -19.21 -19.20 -1.81
CA ALA A 15 -19.05 -17.93 -1.12
C ALA A 15 -19.93 -17.90 0.14
N PRO A 16 -19.36 -17.58 1.31
CA PRO A 16 -20.19 -17.49 2.51
C PRO A 16 -21.05 -16.24 2.59
N PHE A 17 -21.02 -15.35 1.62
CA PHE A 17 -21.72 -14.09 1.79
C PHE A 17 -22.44 -13.65 0.51
N PRO A 18 -23.51 -12.84 0.66
CA PRO A 18 -24.04 -12.10 -0.48
C PRO A 18 -23.00 -11.18 -1.08
N ASP A 19 -23.00 -11.10 -2.39
CA ASP A 19 -22.15 -10.14 -3.07
C ASP A 19 -22.31 -8.76 -2.45
N PRO A 20 -21.21 -8.01 -2.32
CA PRO A 20 -21.26 -6.66 -1.72
C PRO A 20 -22.30 -5.69 -2.26
N ASN A 21 -22.51 -5.58 -3.58
CA ASN A 21 -23.59 -4.71 -4.04
C ASN A 21 -24.89 -5.06 -3.33
N ASP A 22 -25.19 -6.36 -3.27
CA ASP A 22 -26.44 -6.85 -2.70
C ASP A 22 -26.46 -6.71 -1.19
N ASP A 23 -25.36 -7.08 -0.52
CA ASP A 23 -25.29 -6.97 0.94
C ASP A 23 -25.55 -5.53 1.40
N PRO A 24 -26.37 -5.31 2.44
CA PRO A 24 -26.68 -3.93 2.86
C PRO A 24 -25.53 -3.36 3.67
N PHE A 25 -24.85 -4.25 4.40
CA PHE A 25 -23.71 -3.81 5.25
C PHE A 25 -22.87 -2.82 4.48
N TYR A 26 -22.60 -3.12 3.22
CA TYR A 26 -21.69 -2.24 2.42
C TYR A 26 -22.36 -0.90 2.13
N LYS A 27 -23.69 -0.85 2.05
CA LYS A 27 -24.39 0.40 1.67
C LYS A 27 -24.15 1.49 2.74
N THR A 28 -23.95 2.74 2.30
CA THR A 28 -23.77 3.86 3.25
C THR A 28 -25.07 4.18 3.93
N PRO A 29 -25.10 4.38 5.27
CA PRO A 29 -26.30 4.80 5.98
C PRO A 29 -26.74 6.25 5.82
N SER A 30 -28.01 6.54 6.09
CA SER A 30 -28.47 7.95 6.05
C SER A 30 -27.95 8.67 7.31
N ASN A 31 -27.45 7.91 8.28
CA ASN A 31 -26.95 8.47 9.56
C ASN A 31 -25.43 8.61 9.46
N ILE A 32 -24.86 8.41 8.28
CA ILE A 32 -23.38 8.38 8.13
C ILE A 32 -22.79 9.75 8.56
N GLY A 33 -23.47 10.85 8.24
CA GLY A 33 -22.95 12.18 8.61
C GLY A 33 -22.87 12.28 10.12
N THR A 34 -23.88 11.76 10.83
CA THR A 34 -23.86 11.77 12.31
C THR A 34 -22.69 10.94 12.80
N TYR A 35 -22.42 9.80 12.15
CA TYR A 35 -21.34 8.91 12.67
C TYR A 35 -20.00 9.62 12.60
N ALA A 36 -19.19 9.46 13.65
CA ALA A 36 -17.84 10.07 13.70
C ALA A 36 -16.89 9.36 12.74
N ASN A 37 -15.85 10.06 12.31
CA ASN A 37 -14.83 9.42 11.42
C ASN A 37 -14.16 8.28 12.21
N GLY A 38 -13.87 7.16 11.55
CA GLY A 38 -13.28 6.00 12.24
C GLY A 38 -14.18 5.50 13.35
N GLN A 39 -15.50 5.55 13.15
CA GLN A 39 -16.46 5.01 14.14
C GLN A 39 -17.21 3.87 13.43
N VAL A 40 -17.36 2.72 14.09
CA VAL A 40 -17.98 1.58 13.35
C VAL A 40 -19.50 1.67 13.46
N ILE A 41 -20.18 1.78 12.32
CA ILE A 41 -21.67 1.79 12.30
C ILE A 41 -22.14 0.43 12.82
N GLN A 42 -21.47 -0.64 12.38
CA GLN A 42 -21.89 -2.02 12.75
C GLN A 42 -20.78 -3.00 12.40
N SER A 43 -20.98 -4.27 12.71
CA SER A 43 -19.96 -5.29 12.45
C SER A 43 -20.61 -6.67 12.41
N ARG A 44 -19.79 -7.68 12.18
CA ARG A 44 -20.21 -9.08 12.02
C ARG A 44 -18.99 -9.97 12.02
N LYS A 45 -19.15 -11.18 12.55
CA LYS A 45 -18.14 -12.21 12.34
C LYS A 45 -17.93 -12.37 10.83
N ALA A 46 -16.82 -13.03 10.46
CA ALA A 46 -16.57 -13.15 9.02
C ALA A 46 -15.56 -14.24 8.68
N PRO A 47 -15.96 -15.23 7.88
CA PRO A 47 -15.14 -16.44 7.63
C PRO A 47 -13.99 -16.21 6.66
N THR A 48 -12.76 -16.48 7.11
CA THR A 48 -11.59 -16.18 6.29
C THR A 48 -10.65 -17.37 6.19
N ASP A 49 -10.29 -17.75 4.96
CA ASP A 49 -9.27 -18.77 4.76
C ASP A 49 -8.04 -18.48 5.60
N ILE A 50 -7.50 -17.25 5.48
CA ILE A 50 -6.37 -16.82 6.29
C ILE A 50 -6.70 -16.91 7.77
N GLY A 51 -7.82 -16.28 8.18
CA GLY A 51 -8.23 -16.35 9.57
C GLY A 51 -8.32 -17.77 10.09
N ASN A 52 -8.68 -18.71 9.23
CA ASN A 52 -8.69 -20.10 9.65
C ASN A 52 -7.29 -20.62 9.83
N GLN A 53 -6.47 -20.52 8.78
CA GLN A 53 -5.13 -21.07 8.83
C GLN A 53 -4.40 -20.68 10.11
N ASN A 54 -4.76 -19.54 10.71
CA ASN A 54 -4.08 -19.00 11.87
C ASN A 54 -4.93 -19.02 13.15
N GLY A 55 -6.06 -19.72 13.16
CA GLY A 55 -6.87 -19.79 14.36
C GLY A 55 -7.39 -18.45 14.84
N ALA A 56 -7.33 -17.44 13.98
CA ALA A 56 -7.53 -16.06 14.37
C ALA A 56 -8.92 -15.59 13.97
N ASP A 57 -9.65 -15.07 14.94
CA ASP A 57 -11.01 -14.62 14.70
C ASP A 57 -11.01 -13.50 13.68
N SER A 58 -11.82 -13.63 12.63
CA SER A 58 -11.88 -12.61 11.60
C SER A 58 -13.25 -11.96 11.61
N PHE A 59 -13.26 -10.65 11.44
CA PHE A 59 -14.49 -9.87 11.49
C PHE A 59 -14.57 -8.88 10.34
N GLN A 60 -15.74 -8.26 10.20
CA GLN A 60 -15.95 -7.24 9.20
C GLN A 60 -16.54 -6.01 9.87
N LEU A 61 -16.00 -4.84 9.55
CA LEU A 61 -16.36 -3.63 10.27
C LEU A 61 -16.89 -2.63 9.27
N SER A 62 -18.17 -2.28 9.40
CA SER A 62 -18.77 -1.25 8.59
C SER A 62 -18.62 0.06 9.36
N TYR A 63 -17.76 0.95 8.85
CA TYR A 63 -17.30 2.11 9.61
C TYR A 63 -17.40 3.36 8.79
N ARG A 64 -17.85 4.45 9.41
CA ARG A 64 -17.83 5.72 8.73
C ARG A 64 -16.40 6.09 8.34
N THR A 65 -16.29 6.77 7.20
CA THR A 65 -15.04 7.35 6.73
C THR A 65 -15.33 8.60 5.92
N THR A 66 -14.33 9.02 5.12
CA THR A 66 -14.48 10.15 4.22
C THR A 66 -13.92 9.83 2.84
N ASN A 67 -14.63 10.31 1.84
CA ASN A 67 -14.30 10.25 0.44
C ASN A 67 -13.49 11.46 0.03
N THR A 68 -13.15 11.53 -1.25
CA THR A 68 -12.27 12.58 -1.73
C THR A 68 -12.93 13.94 -1.60
N GLN A 69 -14.22 14.05 -1.93
CA GLN A 69 -14.94 15.34 -1.85
C GLN A 69 -15.24 15.74 -0.43
N LYS A 70 -14.63 15.04 0.53
CA LYS A 70 -14.79 15.31 1.94
C LYS A 70 -16.26 15.13 2.29
N GLU A 71 -16.73 13.90 2.09
CA GLU A 71 -18.12 13.56 2.33
C GLU A 71 -18.20 12.30 3.17
N ALA A 72 -19.26 12.25 3.98
CA ALA A 72 -19.46 11.16 4.93
C ALA A 72 -19.88 9.91 4.18
N GLN A 73 -19.04 8.89 4.21
CA GLN A 73 -19.40 7.63 3.58
C GLN A 73 -19.04 6.47 4.49
N ALA A 74 -19.81 5.39 4.39
CA ALA A 74 -19.52 4.16 5.13
C ALA A 74 -18.45 3.37 4.41
N ASN A 75 -17.81 2.45 5.13
CA ASN A 75 -16.87 1.54 4.50
C ASN A 75 -16.59 0.33 5.41
N VAL A 76 -16.11 -0.73 4.79
CA VAL A 76 -15.86 -2.03 5.42
C VAL A 76 -14.36 -2.25 5.54
N ALA A 77 -13.96 -2.95 6.59
CA ALA A 77 -12.62 -3.51 6.70
C ALA A 77 -12.74 -4.92 7.25
N THR A 78 -11.73 -5.73 6.94
CA THR A 78 -11.53 -7.06 7.51
C THR A 78 -10.44 -7.03 8.58
N VAL A 79 -10.79 -7.34 9.83
CA VAL A 79 -9.83 -7.40 10.92
C VAL A 79 -9.66 -8.85 11.37
N PHE A 80 -8.47 -9.14 11.87
CA PHE A 80 -8.11 -10.42 12.46
C PHE A 80 -7.66 -10.15 13.89
N ILE A 81 -7.87 -11.13 14.76
CA ILE A 81 -7.38 -11.04 16.14
C ILE A 81 -6.54 -12.27 16.42
N PRO A 82 -5.21 -12.15 16.53
CA PRO A 82 -4.39 -13.35 16.72
C PRO A 82 -4.81 -14.09 17.99
N SER A 83 -4.56 -15.40 18.00
CA SER A 83 -4.96 -16.19 19.15
C SER A 83 -4.34 -15.64 20.44
N LYS A 84 -3.08 -15.21 20.37
CA LYS A 84 -2.36 -14.66 21.53
C LYS A 84 -1.60 -13.37 21.21
N PRO A 85 -2.17 -12.20 21.52
CA PRO A 85 -1.58 -10.93 21.10
C PRO A 85 -0.21 -10.66 21.71
N ALA A 86 0.58 -9.89 20.97
CA ALA A 86 1.80 -9.37 21.54
C ALA A 86 1.48 -8.38 22.64
N SER A 87 2.39 -8.31 23.60
CA SER A 87 2.42 -7.29 24.64
C SER A 87 3.75 -6.54 24.54
N PRO A 88 3.74 -5.22 24.22
CA PRO A 88 2.49 -4.46 24.15
C PRO A 88 1.76 -4.69 22.83
N PRO A 89 0.47 -4.34 22.74
CA PRO A 89 -0.29 -4.62 21.53
C PRO A 89 0.27 -3.87 20.34
N LYS A 90 0.28 -4.50 19.17
CA LYS A 90 0.75 -3.83 17.93
C LYS A 90 -0.29 -4.08 16.82
N ILE A 91 -0.43 -3.13 15.90
CA ILE A 91 -1.45 -3.27 14.80
C ILE A 91 -0.69 -3.41 13.48
N PHE A 92 -1.07 -4.40 12.67
CA PHE A 92 -0.44 -4.55 11.34
C PHE A 92 -1.49 -4.21 10.30
N SER A 93 -1.14 -3.31 9.38
CA SER A 93 -2.09 -2.97 8.29
C SER A 93 -1.52 -3.48 6.97
N TYR A 94 -2.32 -4.25 6.22
CA TYR A 94 -1.87 -4.78 4.91
C TYR A 94 -2.79 -4.19 3.87
N GLN A 95 -2.24 -3.66 2.79
CA GLN A 95 -3.16 -3.16 1.74
C GLN A 95 -3.10 -4.12 0.55
N VAL A 96 -4.24 -4.70 0.18
CA VAL A 96 -4.29 -5.64 -0.99
C VAL A 96 -4.16 -4.84 -2.29
N TYR A 97 -3.48 -5.40 -3.29
CA TYR A 97 -3.41 -4.73 -4.61
C TYR A 97 -4.66 -5.12 -5.38
N GLU A 98 -5.81 -4.61 -4.98
CA GLU A 98 -7.05 -5.09 -5.65
C GLU A 98 -6.99 -4.71 -7.13
N ASP A 99 -6.56 -3.48 -7.44
CA ASP A 99 -6.36 -3.06 -8.85
C ASP A 99 -7.65 -3.28 -9.65
N SER A 100 -8.81 -3.05 -9.04
CA SER A 100 -10.11 -3.29 -9.72
C SER A 100 -11.12 -2.21 -9.33
N THR A 101 -12.10 -1.91 -10.21
CA THR A 101 -13.06 -0.83 -9.93
C THR A 101 -14.42 -1.36 -9.47
N GLN A 102 -14.58 -2.66 -9.19
CA GLN A 102 -15.92 -3.20 -8.84
C GLN A 102 -15.95 -3.63 -7.36
N LEU A 103 -17.14 -3.65 -6.73
CA LEU A 103 -17.30 -4.00 -5.29
C LEU A 103 -16.90 -5.45 -4.99
N ASN A 104 -17.24 -6.40 -5.87
CA ASN A 104 -16.92 -7.83 -5.61
C ASN A 104 -15.40 -7.92 -5.50
N CYS A 105 -14.69 -7.07 -6.23
CA CYS A 105 -13.21 -7.09 -6.18
C CYS A 105 -12.71 -6.62 -4.81
N ALA A 106 -13.61 -6.36 -3.87
CA ALA A 106 -13.16 -5.80 -2.58
C ALA A 106 -12.29 -6.83 -1.87
N PRO A 107 -11.26 -6.38 -1.12
CA PRO A 107 -10.38 -7.30 -0.41
C PRO A 107 -11.23 -8.08 0.58
N SER A 108 -12.21 -7.44 1.21
CA SER A 108 -12.99 -8.16 2.25
C SER A 108 -13.72 -9.35 1.61
N TYR A 109 -14.29 -9.17 0.42
CA TYR A 109 -14.95 -10.29 -0.30
C TYR A 109 -13.90 -11.35 -0.63
N SER A 110 -12.71 -10.89 -1.03
CA SER A 110 -11.60 -11.81 -1.40
C SER A 110 -11.20 -12.65 -0.18
N TYR A 111 -11.19 -12.04 1.02
CA TYR A 111 -10.74 -12.77 2.22
C TYR A 111 -11.71 -13.90 2.53
N LEU A 112 -12.94 -13.80 2.03
CA LEU A 112 -13.99 -14.82 2.34
C LEU A 112 -13.65 -16.14 1.65
N THR A 113 -14.15 -17.26 2.18
CA THR A 113 -13.77 -18.59 1.66
C THR A 113 -14.44 -18.94 0.35
N GLY A 114 -13.96 -19.99 -0.33
CA GLY A 114 -14.57 -20.49 -1.58
C GLY A 114 -13.94 -20.00 -2.87
N PHE A 115 -14.04 -20.80 -3.94
CA PHE A 115 -13.49 -20.49 -5.29
C PHE A 115 -14.13 -19.28 -5.95
N ASP A 116 -15.43 -19.09 -5.77
CA ASP A 116 -16.20 -18.09 -6.57
C ASP A 116 -15.75 -16.63 -6.44
N GLU A 117 -15.34 -16.15 -5.28
CA GLU A 117 -15.07 -14.69 -5.21
C GLU A 117 -13.99 -14.31 -6.23
N PRO A 118 -14.21 -13.25 -7.03
CA PRO A 118 -13.27 -12.83 -8.07
C PRO A 118 -11.88 -12.33 -7.67
N ASN A 119 -11.78 -11.54 -6.59
CA ASN A 119 -10.49 -10.92 -6.18
C ASN A 119 -9.83 -11.84 -5.15
N LYS A 120 -10.40 -13.01 -4.95
CA LYS A 120 -9.90 -13.97 -3.92
C LYS A 120 -8.45 -14.30 -4.28
N VAL A 121 -8.13 -14.39 -5.57
CA VAL A 121 -6.76 -14.81 -5.97
C VAL A 121 -5.76 -13.81 -5.38
N THR A 122 -6.04 -12.51 -5.38
CA THR A 122 -5.02 -11.59 -4.86
C THR A 122 -4.73 -11.93 -3.41
N THR A 123 -5.78 -12.20 -2.61
CA THR A 123 -5.59 -12.63 -1.20
C THR A 123 -4.88 -13.96 -1.12
N VAL A 124 -5.17 -14.91 -2.02
CA VAL A 124 -4.59 -16.29 -1.90
C VAL A 124 -3.06 -16.35 -2.02
N LEU A 125 -2.41 -15.55 -2.88
CA LEU A 125 -0.95 -15.74 -3.09
C LEU A 125 -0.06 -15.30 -1.91
N ASP A 126 0.55 -14.10 -1.98
CA ASP A 126 1.42 -13.58 -0.88
C ASP A 126 0.65 -13.29 0.41
N THR A 127 -0.55 -12.73 0.29
CA THR A 127 -1.32 -12.29 1.49
C THR A 127 -1.37 -13.33 2.61
N PRO A 128 -1.68 -14.64 2.40
CA PRO A 128 -1.73 -15.56 3.54
C PRO A 128 -0.41 -15.61 4.30
N ILE A 129 0.67 -15.90 3.57
CA ILE A 129 2.02 -15.83 4.12
C ILE A 129 2.18 -14.60 5.02
N ILE A 130 1.83 -13.41 4.52
CA ILE A 130 2.06 -12.19 5.28
C ILE A 130 1.16 -12.11 6.51
N ILE A 131 -0.15 -12.26 6.32
CA ILE A 131 -1.00 -12.00 7.46
C ILE A 131 -0.94 -13.14 8.46
N SER A 132 -0.48 -14.32 8.03
CA SER A 132 -0.09 -15.32 9.01
C SER A 132 1.04 -14.77 9.90
N TRP A 133 2.19 -14.50 9.29
CA TRP A 133 3.35 -13.97 10.00
C TRP A 133 2.95 -12.85 10.94
N ALA A 134 2.21 -11.87 10.43
CA ALA A 134 1.71 -10.80 11.26
C ALA A 134 0.85 -11.29 12.42
N LEU A 135 0.36 -12.51 12.34
CA LEU A 135 -0.45 -13.03 13.42
C LEU A 135 0.34 -14.01 14.26
N GLN A 136 1.17 -14.84 13.59
CA GLN A 136 2.17 -15.66 14.25
C GLN A 136 3.16 -14.86 15.06
N GLN A 137 3.08 -13.52 14.98
CA GLN A 137 3.86 -12.64 15.82
C GLN A 137 2.97 -11.86 16.77
N GLY A 138 1.68 -12.17 16.80
CA GLY A 138 0.84 -11.56 17.81
C GLY A 138 0.46 -10.12 17.53
N TYR A 139 0.52 -9.71 16.28
CA TYR A 139 0.02 -8.40 15.88
C TYR A 139 -1.44 -8.55 15.42
N TYR A 140 -2.32 -7.70 15.94
CA TYR A 140 -3.66 -7.56 15.39
C TYR A 140 -3.56 -7.11 13.95
N VAL A 141 -4.30 -7.76 13.05
CA VAL A 141 -4.22 -7.40 11.64
C VAL A 141 -5.45 -6.58 11.28
N VAL A 142 -5.28 -5.59 10.40
CA VAL A 142 -6.42 -5.01 9.68
C VAL A 142 -6.03 -4.88 8.22
N SER A 143 -6.94 -5.24 7.34
CA SER A 143 -6.88 -4.92 5.92
C SER A 143 -8.18 -4.22 5.59
N SER A 144 -8.15 -3.28 4.67
CA SER A 144 -9.32 -2.45 4.51
C SER A 144 -9.60 -2.28 3.02
N ASP A 145 -10.88 -2.27 2.66
CA ASP A 145 -11.31 -1.97 1.30
C ASP A 145 -10.96 -0.52 0.98
N HIS A 146 -9.71 -0.35 0.49
CA HIS A 146 -9.08 0.97 0.39
C HIS A 146 -9.69 1.82 -0.71
N GLU A 147 -10.32 1.16 -1.69
CA GLU A 147 -11.02 1.90 -2.76
C GLU A 147 -12.39 2.34 -2.22
N GLY A 148 -12.97 1.55 -1.31
CA GLY A 148 -14.24 1.95 -0.68
C GLY A 148 -15.47 1.70 -1.53
N PRO A 149 -16.63 2.34 -1.20
CA PRO A 149 -17.86 2.17 -1.96
C PRO A 149 -17.63 2.66 -3.35
N ARG A 150 -16.85 3.74 -3.48
CA ARG A 150 -16.52 4.32 -4.81
C ARG A 150 -15.78 3.22 -5.59
N SER A 151 -14.95 2.41 -4.90
CA SER A 151 -14.13 1.39 -5.60
C SER A 151 -13.21 2.09 -6.59
N ALA A 152 -12.65 3.23 -6.17
CA ALA A 152 -11.78 4.01 -7.06
C ALA A 152 -10.34 3.53 -6.91
N PHE A 153 -9.81 2.84 -7.92
CA PHE A 153 -8.40 2.40 -7.91
C PHE A 153 -7.49 3.58 -8.16
N ILE A 154 -6.35 3.67 -7.46
CA ILE A 154 -5.30 4.70 -7.76
C ILE A 154 -5.75 6.10 -7.29
N ALA A 155 -6.90 6.17 -6.62
CA ALA A 155 -7.36 7.45 -6.03
C ALA A 155 -6.73 7.55 -4.64
N GLY A 156 -5.54 8.14 -4.55
CA GLY A 156 -4.82 8.12 -3.26
C GLY A 156 -5.53 8.81 -2.11
N TYR A 157 -6.14 9.98 -2.34
CA TYR A 157 -6.70 10.68 -1.17
C TYR A 157 -7.80 9.82 -0.56
N GLU A 158 -8.64 9.24 -1.43
CA GLU A 158 -9.73 8.37 -0.92
C GLU A 158 -9.14 7.15 -0.22
N GLU A 159 -8.11 6.56 -0.83
CA GLU A 159 -7.54 5.31 -0.25
C GLU A 159 -6.94 5.63 1.12
N GLY A 160 -6.20 6.74 1.22
CA GLY A 160 -5.51 7.04 2.48
C GLY A 160 -6.49 7.28 3.61
N MET A 161 -7.55 8.03 3.35
CA MET A 161 -8.48 8.38 4.46
C MET A 161 -9.12 7.09 4.97
N ALA A 162 -9.51 6.19 4.06
CA ALA A 162 -10.20 4.96 4.50
C ALA A 162 -9.28 4.12 5.38
N ILE A 163 -8.02 3.99 4.97
CA ILE A 163 -7.11 3.07 5.74
C ILE A 163 -6.93 3.62 7.16
N LEU A 164 -6.74 4.93 7.29
CA LEU A 164 -6.58 5.55 8.64
C LEU A 164 -7.88 5.38 9.42
N ASP A 165 -9.01 5.59 8.75
CA ASP A 165 -10.33 5.44 9.42
C ASP A 165 -10.47 3.97 9.86
N GLY A 166 -10.02 3.05 9.01
CA GLY A 166 -10.11 1.62 9.35
C GLY A 166 -9.27 1.31 10.57
N ILE A 167 -8.07 1.88 10.68
CA ILE A 167 -7.25 1.68 11.92
C ILE A 167 -7.98 2.31 13.12
N ARG A 168 -8.57 3.50 12.95
CA ARG A 168 -9.32 4.13 14.05
C ARG A 168 -10.52 3.23 14.39
N ALA A 169 -11.17 2.69 13.36
CA ALA A 169 -12.31 1.78 13.59
C ALA A 169 -11.77 0.51 14.26
N PHE A 170 -10.74 -0.10 13.67
CA PHE A 170 -10.16 -1.26 14.31
C PHE A 170 -9.93 -0.98 15.79
N LYS A 171 -9.37 0.20 16.12
CA LYS A 171 -9.07 0.54 17.51
C LYS A 171 -10.32 0.67 18.37
N ASN A 172 -11.36 1.36 17.90
CA ASN A 172 -12.54 1.45 18.76
C ASN A 172 -13.24 0.10 18.90
N PHE A 173 -13.00 -0.84 17.97
CA PHE A 173 -13.74 -2.09 17.97
C PHE A 173 -13.15 -3.07 18.98
N LYS A 174 -11.82 -3.08 19.12
CA LYS A 174 -11.13 -3.92 20.08
C LYS A 174 -10.71 -3.15 21.33
N ASN A 175 -11.33 -1.99 21.60
CA ASN A 175 -10.88 -1.04 22.65
C ASN A 175 -9.37 -1.02 22.85
N LEU A 176 -8.58 -0.85 21.77
CA LEU A 176 -7.10 -0.85 21.83
C LEU A 176 -6.55 0.48 22.39
N PRO A 177 -5.24 0.57 22.68
CA PRO A 177 -4.70 1.82 23.24
C PRO A 177 -4.41 2.81 22.12
N GLU A 178 -4.94 4.05 22.22
CA GLU A 178 -4.65 5.06 21.20
C GLU A 178 -3.17 5.12 20.84
N ASP A 179 -2.28 4.88 21.82
CA ASP A 179 -0.85 4.82 21.56
C ASP A 179 -0.43 3.56 20.84
N ILE A 180 -1.35 2.67 20.47
CA ILE A 180 -0.91 1.42 19.85
C ILE A 180 -0.14 1.73 18.58
N GLY A 181 1.00 1.07 18.44
CA GLY A 181 1.89 1.34 17.35
C GLY A 181 1.51 0.51 16.15
N VAL A 182 1.31 1.17 15.03
CA VAL A 182 0.74 0.58 13.82
C VAL A 182 1.85 0.32 12.81
N GLY A 183 1.64 -0.70 11.96
CA GLY A 183 2.62 -1.11 10.98
C GLY A 183 2.14 -1.42 9.57
N PHE A 184 2.28 -0.46 8.67
CA PHE A 184 1.75 -0.51 7.32
C PHE A 184 2.54 -1.45 6.41
N TYR A 185 1.83 -2.05 5.46
CA TYR A 185 2.44 -2.88 4.43
C TYR A 185 1.64 -2.79 3.12
N GLY A 186 2.34 -2.95 2.00
CA GLY A 186 1.70 -2.89 0.69
C GLY A 186 2.69 -3.18 -0.42
N TYR A 187 2.13 -3.56 -1.58
CA TYR A 187 2.89 -3.65 -2.82
C TYR A 187 1.93 -3.35 -3.97
N SER A 188 2.53 -2.96 -5.10
CA SER A 188 1.82 -2.42 -6.27
C SER A 188 0.71 -1.49 -5.79
N GLY A 189 -0.55 -1.82 -6.09
CA GLY A 189 -1.63 -0.93 -5.74
C GLY A 189 -1.82 -0.78 -4.25
N GLY A 190 -1.36 -1.76 -3.48
CA GLY A 190 -1.39 -1.63 -2.03
C GLY A 190 -0.32 -0.69 -1.53
N ALA A 191 0.88 -0.75 -2.13
CA ALA A 191 1.88 0.27 -1.88
C ALA A 191 1.34 1.66 -2.17
N HIS A 192 0.68 1.82 -3.31
CA HIS A 192 0.06 3.10 -3.62
C HIS A 192 -0.93 3.50 -2.55
N ALA A 193 -1.78 2.56 -2.12
CA ALA A 193 -2.75 2.89 -1.09
C ALA A 193 -2.08 3.18 0.24
N THR A 194 -1.04 2.41 0.57
CA THR A 194 -0.18 2.66 1.72
C THR A 194 0.46 4.03 1.63
N ALA A 195 1.40 4.19 0.68
CA ALA A 195 2.09 5.44 0.39
C ALA A 195 1.18 6.64 0.57
N TRP A 196 -0.10 6.51 0.22
CA TRP A 196 -1.00 7.63 0.43
C TRP A 196 -1.52 7.70 1.87
N ALA A 197 -1.64 6.55 2.53
CA ALA A 197 -2.18 6.55 3.89
C ALA A 197 -1.18 7.15 4.87
N VAL A 198 0.12 6.86 4.68
CA VAL A 198 1.16 7.53 5.46
C VAL A 198 1.19 9.03 5.15
N SER A 199 1.31 9.40 3.87
CA SER A 199 1.35 10.80 3.49
C SER A 199 0.23 11.59 4.15
N LEU A 200 -0.95 11.00 4.22
CA LEU A 200 -2.08 11.69 4.82
C LEU A 200 -2.09 11.54 6.34
N ALA A 201 -1.43 10.50 6.85
CA ALA A 201 -1.65 10.06 8.23
C ALA A 201 -1.48 11.20 9.22
N GLU A 202 -0.45 12.02 9.02
CA GLU A 202 -0.20 13.09 9.98
C GLU A 202 -1.34 14.08 9.97
N GLY A 203 -1.77 14.48 8.78
CA GLY A 203 -2.85 15.44 8.68
C GLY A 203 -4.19 14.90 9.17
N TYR A 204 -4.52 13.66 8.80
CA TYR A 204 -5.86 13.16 9.04
C TYR A 204 -5.96 12.48 10.40
N ALA A 205 -5.10 11.48 10.64
CA ALA A 205 -5.11 10.70 11.89
C ALA A 205 -3.81 10.90 12.65
N PRO A 206 -3.70 11.99 13.40
CA PRO A 206 -2.46 12.20 14.16
C PRO A 206 -2.31 11.21 15.30
N GLU A 207 -3.42 10.70 15.83
CA GLU A 207 -3.38 9.91 17.04
C GLU A 207 -2.98 8.47 16.80
N ILE A 208 -2.46 8.17 15.63
CA ILE A 208 -2.09 6.82 15.29
C ILE A 208 -0.57 6.78 15.29
N LYS A 209 0.01 6.30 16.39
CA LYS A 209 1.44 6.07 16.40
C LYS A 209 1.81 4.97 15.42
N ILE A 210 2.89 5.22 14.69
CA ILE A 210 3.38 4.36 13.62
C ILE A 210 4.83 4.03 13.93
N ASP A 211 5.09 2.81 14.33
CA ASP A 211 6.46 2.37 14.57
C ASP A 211 7.26 2.22 13.28
N GLY A 212 6.59 2.21 12.13
CA GLY A 212 7.25 2.02 10.85
C GLY A 212 6.24 1.62 9.80
N ALA A 213 6.73 1.53 8.56
CA ALA A 213 5.91 1.10 7.43
C ALA A 213 6.79 0.68 6.27
N ALA A 214 6.56 -0.51 5.75
CA ALA A 214 7.26 -1.01 4.57
C ALA A 214 6.30 -1.05 3.39
N TYR A 215 6.83 -0.81 2.18
CA TYR A 215 6.03 -0.94 0.97
C TYR A 215 6.91 -0.80 -0.27
N GLY A 216 6.52 -1.50 -1.36
CA GLY A 216 7.36 -1.57 -2.54
C GLY A 216 6.60 -1.61 -3.86
N GLY A 217 7.34 -1.43 -4.97
CA GLY A 217 6.63 -1.32 -6.26
C GLY A 217 5.55 -0.27 -6.10
N THR A 218 5.93 0.97 -5.82
CA THR A 218 4.94 2.01 -5.51
C THR A 218 4.86 3.02 -6.62
N PRO A 219 3.65 3.37 -7.13
CA PRO A 219 3.57 4.43 -8.12
C PRO A 219 3.26 5.73 -7.41
N ALA A 220 4.26 6.62 -7.34
CA ALA A 220 4.07 7.94 -6.71
C ALA A 220 3.07 8.79 -7.49
N SER A 221 3.15 8.77 -8.82
CA SER A 221 2.29 9.66 -9.63
C SER A 221 1.35 8.83 -10.51
N ALA A 222 0.05 9.11 -10.42
CA ALA A 222 -0.90 8.40 -11.32
C ALA A 222 -0.60 8.76 -12.77
N LYS A 223 -0.32 10.04 -13.05
CA LYS A 223 -0.13 10.45 -14.45
C LYS A 223 1.09 9.74 -15.07
N ASP A 224 2.18 9.69 -14.31
CA ASP A 224 3.42 9.03 -14.82
C ASP A 224 3.13 7.54 -15.04
N THR A 225 2.41 6.93 -14.08
CA THR A 225 2.12 5.50 -14.20
C THR A 225 1.26 5.28 -15.42
N PHE A 226 0.29 6.17 -15.64
CA PHE A 226 -0.64 5.95 -16.78
C PHE A 226 0.15 6.01 -18.06
N THR A 227 1.07 6.97 -18.14
CA THR A 227 1.82 7.13 -19.41
C THR A 227 2.63 5.88 -19.67
N PHE A 228 3.27 5.34 -18.64
CA PHE A 228 4.07 4.10 -18.80
C PHE A 228 3.16 2.95 -19.19
N LEU A 229 1.99 2.86 -18.53
CA LEU A 229 1.00 1.79 -18.83
C LEU A 229 0.40 1.93 -20.24
N ASN A 230 0.12 3.15 -20.71
CA ASN A 230 -0.63 3.34 -21.99
C ASN A 230 0.13 2.76 -23.18
N LYS A 231 -0.61 2.18 -24.13
CA LYS A 231 0.02 1.53 -25.32
C LYS A 231 0.89 0.41 -24.77
N GLY A 232 0.35 -0.37 -23.83
CA GLY A 232 1.13 -1.45 -23.18
C GLY A 232 0.25 -2.64 -22.86
N PHE A 233 0.86 -3.78 -22.58
CA PHE A 233 0.08 -4.98 -22.17
C PHE A 233 -0.67 -4.59 -20.90
N PHE A 234 -0.04 -3.76 -20.06
CA PHE A 234 -0.62 -3.37 -18.74
C PHE A 234 -1.48 -2.11 -18.90
N ALA A 235 -1.78 -1.71 -20.14
CA ALA A 235 -2.57 -0.48 -20.41
C ALA A 235 -3.95 -0.63 -19.76
N GLY A 236 -4.47 -1.85 -19.67
CA GLY A 236 -5.80 -2.07 -19.09
C GLY A 236 -5.79 -1.56 -17.67
N PHE A 237 -4.68 -1.73 -16.95
CA PHE A 237 -4.57 -1.17 -15.58
C PHE A 237 -4.71 0.35 -15.65
N ALA A 238 -4.14 0.99 -16.67
CA ALA A 238 -4.30 2.46 -16.82
C ALA A 238 -5.78 2.80 -17.03
N VAL A 239 -6.49 1.98 -17.81
CA VAL A 239 -7.96 2.22 -18.00
C VAL A 239 -8.63 2.05 -16.62
N ALA A 240 -8.22 1.05 -15.86
CA ALA A 240 -8.77 0.86 -14.50
C ALA A 240 -8.39 2.08 -13.66
N GLY A 241 -7.17 2.56 -13.85
CA GLY A 241 -6.76 3.76 -13.14
C GLY A 241 -7.66 4.94 -13.44
N VAL A 242 -7.81 5.23 -14.73
CA VAL A 242 -8.66 6.37 -15.15
C VAL A 242 -10.05 6.19 -14.53
N SER A 243 -10.60 4.97 -14.64
CA SER A 243 -11.98 4.75 -14.14
C SER A 243 -12.03 4.99 -12.63
N GLY A 244 -11.03 4.51 -11.89
CA GLY A 244 -11.02 4.75 -10.44
C GLY A 244 -10.91 6.23 -10.13
N LEU A 245 -10.04 6.94 -10.85
CA LEU A 245 -9.84 8.38 -10.57
C LEU A 245 -11.18 9.07 -10.86
N ALA A 246 -11.85 8.66 -11.93
CA ALA A 246 -13.15 9.26 -12.31
C ALA A 246 -14.18 9.00 -11.21
N LEU A 247 -14.20 7.79 -10.66
CA LEU A 247 -15.14 7.51 -9.54
C LEU A 247 -14.80 8.43 -8.36
N ALA A 248 -13.51 8.58 -8.04
CA ALA A 248 -13.08 9.47 -6.93
C ALA A 248 -13.42 10.93 -7.21
N HIS A 249 -13.23 11.37 -8.45
CA HIS A 249 -13.45 12.80 -8.80
C HIS A 249 -14.62 12.88 -9.76
N PRO A 250 -15.82 13.29 -9.31
CA PRO A 250 -17.03 13.25 -10.15
C PRO A 250 -17.14 14.38 -11.15
N ASP A 251 -16.43 15.50 -10.94
CA ASP A 251 -16.31 16.47 -12.02
C ASP A 251 -15.49 15.89 -13.15
N MET A 252 -14.59 14.97 -12.83
CA MET A 252 -13.88 14.27 -13.88
C MET A 252 -14.78 13.26 -14.58
N GLU A 253 -15.67 12.60 -13.86
CA GLU A 253 -16.68 11.80 -14.54
C GLU A 253 -17.51 12.64 -15.51
N ALA A 254 -18.08 13.74 -15.01
CA ALA A 254 -18.81 14.69 -15.86
C ALA A 254 -18.05 15.00 -17.14
N PHE A 255 -16.74 15.25 -17.02
CA PHE A 255 -15.92 15.47 -18.21
C PHE A 255 -15.97 14.26 -19.15
N LEU A 256 -15.87 13.07 -18.58
CA LEU A 256 -15.43 11.94 -19.38
C LEU A 256 -16.59 11.38 -20.19
N GLU A 257 -17.68 10.96 -19.50
CA GLU A 257 -18.89 10.37 -20.05
C GLU A 257 -19.24 10.80 -21.46
N PRO A 258 -19.26 12.10 -21.76
CA PRO A 258 -19.63 12.51 -23.13
C PRO A 258 -18.60 12.13 -24.17
N ARG A 259 -17.33 12.16 -23.80
CA ARG A 259 -16.22 11.99 -24.72
C ARG A 259 -15.98 10.54 -25.08
N LEU A 260 -16.67 9.62 -24.43
CA LEU A 260 -16.55 8.22 -24.74
C LEU A 260 -17.07 7.91 -26.13
N ASN A 261 -16.19 7.54 -27.04
CA ASN A 261 -16.71 6.97 -28.27
C ASN A 261 -17.40 5.65 -27.95
N ALA A 262 -18.18 5.15 -28.92
CA ALA A 262 -18.98 3.95 -28.69
C ALA A 262 -18.16 2.81 -28.10
N LYS A 263 -16.89 2.69 -28.52
CA LYS A 263 -16.00 1.72 -27.90
C LYS A 263 -15.83 2.04 -26.43
N GLY A 264 -15.38 3.27 -26.15
CA GLY A 264 -15.03 3.67 -24.79
C GLY A 264 -16.16 3.55 -23.80
N LYS A 265 -17.40 3.73 -24.26
CA LYS A 265 -18.54 3.54 -23.37
C LYS A 265 -18.58 2.08 -22.87
N GLN A 266 -18.20 1.15 -23.71
CA GLN A 266 -18.25 -0.25 -23.34
C GLN A 266 -16.99 -0.75 -22.65
N VAL A 267 -15.85 -0.15 -22.99
CA VAL A 267 -14.62 -0.41 -22.23
C VAL A 267 -14.83 -0.09 -20.76
N PHE A 268 -15.40 1.08 -20.48
CA PHE A 268 -15.54 1.52 -19.11
C PHE A 268 -16.70 0.84 -18.38
N GLU A 269 -17.84 0.61 -19.03
CA GLU A 269 -18.85 -0.16 -18.30
C GLU A 269 -18.43 -1.61 -18.14
N GLN A 270 -17.48 -2.09 -18.95
CA GLN A 270 -16.92 -3.42 -18.71
C GLN A 270 -16.00 -3.46 -17.51
N ILE A 271 -15.15 -2.43 -17.35
CA ILE A 271 -14.17 -2.44 -16.27
C ILE A 271 -14.79 -2.06 -14.94
N ARG A 272 -16.04 -1.61 -14.97
CA ARG A 272 -16.85 -1.39 -13.78
C ARG A 272 -17.91 -2.47 -13.60
N SER A 273 -17.91 -3.51 -14.44
CA SER A 273 -18.90 -4.57 -14.37
C SER A 273 -18.57 -5.57 -13.26
N ARG A 274 -19.60 -6.30 -12.82
CA ARG A 274 -19.42 -7.31 -11.77
C ARG A 274 -18.44 -8.37 -12.24
N GLY A 275 -17.58 -8.84 -11.34
CA GLY A 275 -16.62 -9.86 -11.67
C GLY A 275 -15.47 -9.43 -12.57
N PHE A 276 -15.33 -8.14 -12.87
CA PHE A 276 -14.19 -7.66 -13.64
C PHE A 276 -13.12 -7.13 -12.69
N CYS A 277 -12.45 -8.08 -12.04
CA CYS A 277 -11.46 -7.80 -11.01
C CYS A 277 -10.07 -8.04 -11.57
N LEU A 278 -9.05 -7.84 -10.71
CA LEU A 278 -7.64 -7.90 -11.12
C LEU A 278 -7.36 -8.92 -12.22
N PRO A 279 -7.78 -10.18 -12.10
CA PRO A 279 -7.40 -11.14 -13.15
C PRO A 279 -7.93 -10.71 -14.49
N SER A 280 -9.19 -10.25 -14.50
CA SER A 280 -9.80 -9.68 -15.69
C SER A 280 -8.96 -8.52 -16.20
N VAL A 281 -8.86 -7.47 -15.40
CA VAL A 281 -8.23 -6.20 -15.72
C VAL A 281 -6.83 -6.35 -16.33
N VAL A 282 -6.16 -7.46 -16.04
CA VAL A 282 -4.85 -7.72 -16.65
C VAL A 282 -4.95 -8.14 -18.10
N LEU A 283 -5.98 -8.90 -18.48
CA LEU A 283 -6.05 -9.49 -19.82
C LEU A 283 -6.74 -8.61 -20.85
N HIS A 284 -7.22 -7.45 -20.45
CA HIS A 284 -8.11 -6.65 -21.25
C HIS A 284 -7.46 -5.32 -21.60
N ASN A 285 -7.82 -4.79 -22.75
CA ASN A 285 -7.36 -3.48 -23.19
C ASN A 285 -5.86 -3.46 -23.40
N ASN A 286 -5.28 -4.65 -23.49
CA ASN A 286 -3.87 -4.77 -23.77
C ASN A 286 -3.51 -3.98 -25.02
N PHE A 287 -2.44 -3.22 -24.90
CA PHE A 287 -1.88 -2.47 -26.02
C PHE A 287 -2.85 -1.44 -26.56
N VAL A 288 -3.81 -1.02 -25.78
CA VAL A 288 -4.82 -0.11 -26.30
C VAL A 288 -4.46 1.29 -25.83
N ASP A 289 -4.60 2.25 -26.73
CA ASP A 289 -4.44 3.64 -26.32
C ASP A 289 -5.70 4.10 -25.64
N VAL A 290 -5.57 4.40 -24.35
CA VAL A 290 -6.67 5.00 -23.63
C VAL A 290 -7.22 6.17 -24.40
N PHE A 291 -6.34 7.02 -24.93
CA PHE A 291 -6.79 8.18 -25.69
C PHE A 291 -7.77 7.81 -26.79
N SER A 292 -7.69 6.57 -27.29
CA SER A 292 -8.57 6.17 -28.41
C SER A 292 -10.03 6.27 -27.95
N LEU A 293 -10.33 5.76 -26.76
CA LEU A 293 -11.73 5.73 -26.28
C LEU A 293 -12.28 7.16 -26.12
N VAL A 294 -11.50 8.07 -25.57
CA VAL A 294 -11.95 9.49 -25.45
C VAL A 294 -11.98 10.16 -26.84
N ASN A 295 -12.96 11.02 -27.08
CA ASN A 295 -13.03 11.78 -28.37
C ASN A 295 -11.82 12.72 -28.47
N ASP A 296 -11.40 13.37 -27.37
CA ASP A 296 -10.32 14.39 -27.46
C ASP A 296 -8.97 13.73 -27.17
N THR A 297 -8.02 13.88 -28.10
CA THR A 297 -6.74 13.18 -27.90
C THR A 297 -6.00 13.67 -26.68
N ASN A 298 -5.94 14.99 -26.44
CA ASN A 298 -5.11 15.40 -25.27
C ASN A 298 -5.74 14.88 -23.98
N LEU A 299 -7.06 15.07 -23.78
CA LEU A 299 -7.83 14.48 -22.65
C LEU A 299 -7.30 15.01 -21.29
N LEU A 300 -6.07 14.62 -20.95
CA LEU A 300 -5.47 15.00 -19.64
C LEU A 300 -5.25 16.50 -19.52
N ILE A 301 -4.78 17.15 -20.58
CA ILE A 301 -4.41 18.59 -20.47
C ILE A 301 -5.67 19.40 -20.11
N GLU A 302 -6.81 19.07 -20.70
CA GLU A 302 -8.06 19.81 -20.40
C GLU A 302 -8.43 19.59 -18.94
N GLU A 303 -8.86 20.64 -18.25
CA GLU A 303 -9.32 20.52 -16.83
C GLU A 303 -10.65 19.76 -16.82
N PRO A 304 -10.96 18.94 -15.79
CA PRO A 304 -10.26 19.03 -14.51
C PRO A 304 -9.22 17.95 -14.28
N ILE A 305 -9.03 17.06 -15.25
CA ILE A 305 -8.11 15.90 -15.04
C ILE A 305 -6.69 16.43 -14.80
N ALA A 306 -6.26 17.44 -15.55
CA ALA A 306 -4.86 17.91 -15.42
C ALA A 306 -4.57 18.32 -13.99
N GLY A 307 -5.48 19.07 -13.37
CA GLY A 307 -5.21 19.59 -12.06
C GLY A 307 -5.60 18.60 -10.98
N ILE A 308 -6.50 17.66 -11.31
CA ILE A 308 -6.70 16.54 -10.40
C ILE A 308 -5.45 15.68 -10.36
N LEU A 309 -4.90 15.37 -11.53
CA LEU A 309 -3.58 14.75 -11.62
C LEU A 309 -2.53 15.55 -10.89
N LYS A 310 -2.73 16.88 -10.77
CA LYS A 310 -1.84 17.74 -9.99
C LYS A 310 -1.93 17.42 -8.51
N GLN A 311 -3.10 17.00 -8.05
CA GLN A 311 -3.23 16.56 -6.69
C GLN A 311 -3.03 15.06 -6.53
N GLU A 312 -3.20 14.27 -7.60
CA GLU A 312 -2.98 12.82 -7.50
C GLU A 312 -1.55 12.49 -7.87
N THR A 313 -0.65 12.87 -6.96
CA THR A 313 0.75 12.50 -7.03
C THR A 313 1.39 12.84 -5.69
N LEU A 314 2.32 11.99 -5.26
CA LEU A 314 3.17 12.26 -4.11
C LEU A 314 4.53 12.82 -4.50
N VAL A 315 4.76 13.02 -5.80
CA VAL A 315 5.99 13.62 -6.29
C VAL A 315 5.83 15.14 -6.24
N GLN A 316 6.58 15.79 -5.35
CA GLN A 316 6.43 17.22 -5.09
C GLN A 316 6.73 18.07 -6.32
N ALA A 317 7.42 17.51 -7.31
CA ALA A 317 7.64 18.25 -8.55
C ALA A 317 6.32 18.61 -9.24
N GLU A 318 5.44 17.61 -9.42
CA GLU A 318 4.17 17.82 -10.09
C GLU A 318 3.10 18.39 -9.18
N ALA A 319 3.22 18.15 -7.87
CA ALA A 319 2.07 18.28 -6.98
C ALA A 319 1.63 19.73 -6.84
N SER A 320 0.34 19.99 -7.06
CA SER A 320 -0.21 21.33 -6.90
C SER A 320 -0.56 21.57 -5.44
N TYR A 321 0.24 21.00 -4.56
CA TYR A 321 0.06 21.04 -3.11
C TYR A 321 1.40 20.66 -2.53
N THR A 322 1.57 20.86 -1.22
CA THR A 322 2.86 20.52 -0.61
C THR A 322 2.78 19.11 -0.03
N VAL A 323 3.25 18.14 -0.80
CA VAL A 323 3.40 16.74 -0.40
C VAL A 323 3.96 16.65 1.01
N PRO A 324 3.33 15.93 1.92
CA PRO A 324 3.89 15.78 3.27
C PRO A 324 4.93 14.66 3.32
N VAL A 325 5.71 14.67 4.39
CA VAL A 325 6.95 13.88 4.41
C VAL A 325 7.03 12.97 5.64
N PRO A 326 6.73 11.68 5.50
CA PRO A 326 6.77 10.76 6.66
C PRO A 326 8.16 10.59 7.27
N LYS A 327 8.29 11.04 8.53
CA LYS A 327 9.56 10.96 9.25
C LYS A 327 9.89 9.53 9.66
N PHE A 328 8.94 8.83 10.31
CA PHE A 328 9.09 7.51 10.92
C PHE A 328 9.82 6.51 10.01
N PRO A 329 10.38 5.43 10.55
CA PRO A 329 11.33 4.63 9.76
C PRO A 329 10.58 3.82 8.70
N ARG A 330 10.88 4.08 7.44
CA ARG A 330 10.15 3.44 6.36
C ARG A 330 11.10 2.56 5.58
N PHE A 331 10.52 1.67 4.78
CA PHE A 331 11.25 0.66 4.01
C PHE A 331 10.58 0.48 2.65
N MET A 332 11.28 0.89 1.59
CA MET A 332 10.70 0.96 0.26
C MET A 332 11.59 0.24 -0.74
N TRP A 333 10.99 -0.58 -1.60
CA TRP A 333 11.72 -1.24 -2.65
C TRP A 333 10.98 -1.04 -3.96
N HIS A 334 11.67 -1.44 -5.02
CA HIS A 334 11.14 -1.30 -6.36
C HIS A 334 12.05 -2.01 -7.34
N ALA A 335 11.48 -2.91 -8.14
CA ALA A 335 12.22 -3.50 -9.23
C ALA A 335 12.65 -2.38 -10.18
N LEU A 336 13.94 -2.24 -10.37
CA LEU A 336 14.43 -1.22 -11.28
C LEU A 336 13.80 -1.32 -12.66
N PRO A 337 13.62 -2.51 -13.25
CA PRO A 337 12.96 -2.58 -14.56
C PRO A 337 11.47 -2.84 -14.43
N ASP A 338 10.82 -2.19 -13.47
CA ASP A 338 9.49 -2.62 -13.08
C ASP A 338 8.55 -2.48 -14.24
N GLU A 339 8.27 -3.58 -14.95
CA GLU A 339 7.57 -3.49 -16.24
C GLU A 339 6.13 -3.02 -16.10
N ILE A 340 5.62 -2.80 -14.89
CA ILE A 340 4.24 -2.41 -14.66
C ILE A 340 4.15 -1.06 -13.97
N VAL A 341 4.99 -0.80 -12.96
CA VAL A 341 4.93 0.44 -12.21
C VAL A 341 6.24 1.20 -12.42
N PRO A 342 6.21 2.44 -12.91
CA PRO A 342 7.45 3.11 -13.33
C PRO A 342 8.40 3.26 -12.15
N PHE A 343 9.60 2.72 -12.31
CA PHE A 343 10.56 2.82 -11.22
C PHE A 343 10.87 4.27 -10.87
N GLN A 344 10.89 5.13 -11.88
CA GLN A 344 11.46 6.47 -11.71
C GLN A 344 10.66 7.33 -10.75
N PRO A 345 9.36 7.56 -10.95
CA PRO A 345 8.66 8.45 -10.00
C PRO A 345 8.77 7.96 -8.59
N ALA A 346 9.10 6.68 -8.40
CA ALA A 346 9.30 6.16 -7.05
C ALA A 346 10.57 6.74 -6.44
N ALA A 347 11.71 6.45 -7.06
CA ALA A 347 12.95 7.15 -6.79
C ALA A 347 12.74 8.62 -6.47
N ASN A 348 12.03 9.35 -7.34
CA ASN A 348 11.92 10.80 -7.17
C ASN A 348 11.10 11.20 -5.95
N TYR A 349 10.07 10.43 -5.57
CA TYR A 349 9.43 10.68 -4.28
C TYR A 349 10.46 10.50 -3.18
N VAL A 350 11.09 9.32 -3.16
CA VAL A 350 12.01 8.95 -2.10
C VAL A 350 13.08 10.01 -1.93
N LYS A 351 13.67 10.47 -3.05
CA LYS A 351 14.71 11.48 -2.99
C LYS A 351 14.17 12.79 -2.47
N GLU A 352 13.11 13.30 -3.09
CA GLU A 352 12.41 14.46 -2.57
C GLU A 352 12.21 14.32 -1.09
N GLN A 353 11.65 13.20 -0.68
CA GLN A 353 11.31 12.96 0.73
C GLN A 353 12.54 12.80 1.60
N CYS A 354 13.70 12.52 1.01
CA CYS A 354 14.89 12.39 1.81
C CYS A 354 15.55 13.73 2.09
N GLN A 355 15.46 14.69 1.15
CA GLN A 355 15.93 16.04 1.45
C GLN A 355 14.97 16.80 2.35
N LYS A 356 13.75 16.36 2.48
CA LYS A 356 12.86 16.90 3.50
C LYS A 356 12.96 16.08 4.80
N GLY A 357 13.84 15.10 4.85
CA GLY A 357 14.25 14.45 6.09
C GLY A 357 13.43 13.29 6.58
N ALA A 358 13.45 12.16 5.84
CA ALA A 358 12.68 10.95 6.16
C ALA A 358 13.62 9.78 6.45
N ASN A 359 13.04 8.65 6.87
CA ASN A 359 13.83 7.51 7.33
C ASN A 359 13.51 6.35 6.42
N ILE A 360 14.04 6.40 5.20
CA ILE A 360 13.62 5.55 4.10
C ILE A 360 14.78 4.64 3.73
N ASN A 361 14.73 3.41 4.20
CA ASN A 361 15.62 2.34 3.79
C ASN A 361 15.20 1.88 2.39
N TRP A 362 15.83 2.43 1.35
CA TRP A 362 15.45 2.24 -0.04
C TRP A 362 16.21 1.09 -0.68
N ASN A 363 15.50 0.06 -1.15
CA ASN A 363 16.10 -1.11 -1.79
C ASN A 363 15.72 -1.20 -3.26
N VAL A 364 16.72 -1.24 -4.14
CA VAL A 364 16.52 -1.24 -5.57
C VAL A 364 17.07 -2.55 -6.12
N TYR A 365 16.17 -3.38 -6.67
CA TYR A 365 16.55 -4.65 -7.27
C TYR A 365 16.87 -4.48 -8.75
N PRO A 366 18.03 -4.85 -9.18
CA PRO A 366 18.49 -4.44 -10.50
C PRO A 366 18.08 -5.40 -11.59
N ILE A 367 17.83 -6.65 -11.17
CA ILE A 367 17.45 -7.74 -12.05
C ILE A 367 16.14 -8.29 -11.50
N ALA A 368 15.03 -7.59 -11.72
CA ALA A 368 13.73 -8.02 -11.23
C ALA A 368 12.61 -7.38 -12.04
N GLU A 369 11.46 -8.04 -12.02
CA GLU A 369 10.23 -7.57 -12.64
C GLU A 369 9.32 -7.05 -11.54
N HIS A 370 8.21 -6.45 -11.92
CA HIS A 370 7.17 -6.19 -10.93
C HIS A 370 6.82 -7.44 -10.13
N VAL A 371 6.61 -8.56 -10.83
CA VAL A 371 6.07 -9.77 -10.21
C VAL A 371 7.09 -10.43 -9.31
N THR A 372 8.32 -10.51 -9.80
CA THR A 372 9.39 -11.15 -9.06
C THR A 372 9.75 -10.34 -7.83
N ALA A 373 9.86 -9.02 -7.96
CA ALA A 373 10.33 -8.16 -6.88
C ALA A 373 9.39 -8.13 -5.70
N GLU A 374 8.12 -8.45 -5.93
CA GLU A 374 7.19 -8.61 -4.83
C GLU A 374 7.67 -9.65 -3.82
N ILE A 375 8.40 -10.64 -4.27
CA ILE A 375 8.78 -11.76 -3.42
C ILE A 375 10.10 -11.52 -2.73
N PHE A 376 11.07 -11.01 -3.49
CA PHE A 376 12.36 -10.60 -2.96
C PHE A 376 12.24 -9.82 -1.67
N GLY A 377 11.79 -8.57 -1.78
CA GLY A 377 11.68 -7.70 -0.64
C GLY A 377 10.43 -7.97 0.15
N LEU A 378 9.97 -9.22 0.16
CA LEU A 378 8.91 -9.60 1.08
C LEU A 378 9.48 -9.94 2.46
N VAL A 379 10.38 -10.93 2.51
CA VAL A 379 11.12 -11.29 3.71
C VAL A 379 11.73 -10.04 4.32
N PRO A 380 12.64 -9.33 3.64
CA PRO A 380 13.22 -8.13 4.25
C PRO A 380 12.19 -7.16 4.79
N GLY A 381 11.19 -6.83 4.00
CA GLY A 381 10.19 -5.88 4.43
C GLY A 381 9.51 -6.29 5.72
N LEU A 382 9.38 -7.58 5.94
CA LEU A 382 8.79 -8.09 7.17
C LEU A 382 9.81 -8.18 8.28
N ASP A 383 11.00 -8.71 7.96
CA ASP A 383 12.10 -8.63 8.90
C ASP A 383 12.21 -7.23 9.47
N PHE A 384 12.35 -6.24 8.56
CA PHE A 384 12.22 -4.84 8.93
C PHE A 384 10.98 -4.59 9.79
N LEU A 385 9.82 -4.99 9.29
CA LEU A 385 8.63 -4.61 10.03
C LEU A 385 8.68 -5.14 11.45
N SER A 386 9.38 -6.25 11.66
CA SER A 386 9.59 -6.74 13.03
C SER A 386 10.32 -5.68 13.83
N LYS A 387 11.55 -5.35 13.39
CA LYS A 387 12.39 -4.41 14.10
C LYS A 387 11.66 -3.12 14.43
N ALA A 388 11.01 -2.51 13.44
CA ALA A 388 10.35 -1.23 13.69
C ALA A 388 9.42 -1.30 14.90
N PHE A 389 8.75 -2.43 15.10
CA PHE A 389 7.88 -2.59 16.26
C PHE A 389 8.68 -2.61 17.55
N LYS A 390 9.89 -3.15 17.51
CA LYS A 390 10.80 -3.17 18.64
C LYS A 390 11.56 -1.85 18.79
N GLY A 391 11.33 -0.89 17.90
CA GLY A 391 12.05 0.37 17.94
C GLY A 391 13.48 0.26 17.47
N GLN A 392 13.78 -0.68 16.60
CA GLN A 392 15.15 -1.03 16.29
C GLN A 392 15.43 -1.03 14.79
N THR A 393 14.82 -0.11 14.07
CA THR A 393 14.99 -0.08 12.62
C THR A 393 16.44 0.22 12.29
N PRO A 394 17.17 -0.65 11.60
CA PRO A 394 18.60 -0.42 11.37
C PRO A 394 18.83 0.95 10.77
N LYS A 395 19.68 1.74 11.42
CA LYS A 395 19.78 3.17 11.11
C LYS A 395 20.56 3.32 9.81
N VAL A 396 19.92 3.91 8.80
CA VAL A 396 20.45 3.88 7.44
C VAL A 396 20.49 5.28 6.88
N ALA A 397 21.49 5.53 6.05
CA ALA A 397 21.49 6.74 5.27
C ALA A 397 20.25 6.74 4.39
N CYS A 398 19.44 7.80 4.52
CA CYS A 398 18.19 7.94 3.77
C CYS A 398 18.47 7.73 2.28
N GLY A 399 17.47 7.21 1.57
CA GLY A 399 17.69 6.82 0.20
C GLY A 399 18.66 5.68 -0.02
N SER A 400 19.19 5.09 1.04
CA SER A 400 20.11 3.97 0.86
C SER A 400 19.65 2.82 1.71
N GLY A 401 20.44 1.76 1.68
CA GLY A 401 20.31 0.68 2.62
C GLY A 401 21.40 0.74 3.66
N VAL A 402 21.42 -0.30 4.50
CA VAL A 402 22.59 -0.58 5.32
C VAL A 402 23.79 -0.73 4.40
N PRO A 403 24.93 -0.14 4.70
CA PRO A 403 26.14 -0.39 3.91
C PRO A 403 26.94 -1.56 4.48
N ALA A 404 27.82 -2.09 3.64
CA ALA A 404 28.46 -3.37 3.93
C ALA A 404 29.18 -3.40 5.28
N ILE A 405 28.59 -4.10 6.26
CA ILE A 405 29.09 -4.19 7.63
C ILE A 405 29.53 -5.64 7.86
N PRO A 406 30.83 -5.92 7.93
CA PRO A 406 31.27 -7.32 8.00
C PRO A 406 30.52 -8.07 9.09
N GLY A 407 30.19 -9.32 8.82
CA GLY A 407 29.55 -10.15 9.82
C GLY A 407 28.09 -9.87 10.11
N ILE A 408 27.65 -8.66 9.81
CA ILE A 408 26.24 -8.30 9.92
C ILE A 408 25.52 -8.45 8.59
N ASN A 409 26.21 -8.19 7.48
CA ASN A 409 25.56 -8.27 6.19
C ASN A 409 26.57 -8.39 5.06
N SER A 410 27.82 -8.65 5.40
CA SER A 410 28.81 -8.88 4.38
C SER A 410 29.74 -9.92 4.97
N PRO A 411 30.68 -10.47 4.22
CA PRO A 411 31.63 -11.43 4.79
C PRO A 411 32.27 -10.97 6.09
N SER A 412 32.77 -11.92 6.87
CA SER A 412 33.36 -11.63 8.16
C SER A 412 34.80 -11.16 8.00
N THR A 413 35.21 -10.29 8.93
CA THR A 413 36.53 -9.68 8.91
C THR A 413 37.61 -10.73 8.78
N GLN A 414 37.33 -11.95 9.26
CA GLN A 414 38.28 -13.04 9.22
C GLN A 414 38.18 -13.82 7.92
N ASN A 415 36.95 -14.07 7.47
CA ASN A 415 36.77 -14.74 6.19
C ASN A 415 37.37 -13.93 5.07
N VAL A 416 37.44 -12.61 5.23
CA VAL A 416 37.90 -11.75 4.15
C VAL A 416 39.41 -11.69 4.14
N LEU A 417 39.99 -11.28 5.27
CA LEU A 417 41.42 -11.04 5.38
C LEU A 417 42.17 -12.22 5.92
N GLY A 418 41.48 -13.19 6.52
CA GLY A 418 42.17 -14.16 7.34
C GLY A 418 42.25 -13.69 8.77
N SER A 419 42.69 -14.62 9.65
CA SER A 419 42.62 -14.35 11.08
C SER A 419 43.59 -13.27 11.48
N ASP A 420 44.86 -13.41 11.08
CA ASP A 420 45.84 -12.42 11.49
C ASP A 420 45.41 -11.03 11.05
N LEU A 421 45.36 -10.81 9.74
CA LEU A 421 44.99 -9.52 9.22
C LEU A 421 43.72 -8.98 9.86
N ALA A 422 42.79 -9.86 10.22
CA ALA A 422 41.60 -9.41 10.92
C ALA A 422 41.93 -9.02 12.36
N ASN A 423 42.82 -9.75 13.02
CA ASN A 423 43.24 -9.35 14.36
C ASN A 423 43.98 -8.03 14.33
N GLN A 424 44.90 -7.86 13.37
CA GLN A 424 45.58 -6.60 13.22
C GLN A 424 44.59 -5.46 13.07
N LEU A 425 43.63 -5.60 12.15
CA LEU A 425 42.55 -4.63 12.03
C LEU A 425 41.81 -4.41 13.34
N ASN A 426 41.58 -5.47 14.12
CA ASN A 426 40.84 -5.30 15.37
C ASN A 426 41.70 -4.63 16.45
N SER A 427 43.01 -4.51 16.23
CA SER A 427 43.83 -3.78 17.19
C SER A 427 43.73 -2.28 16.96
N LEU A 428 43.63 -1.86 15.69
CA LEU A 428 43.73 -0.45 15.30
C LEU A 428 42.70 0.39 16.04
N LYS A 429 41.74 -0.27 16.68
CA LYS A 429 40.75 0.45 17.44
C LYS A 429 41.44 1.35 18.45
N GLY A 430 40.86 2.51 18.70
CA GLY A 430 41.38 3.47 19.66
C GLY A 430 42.70 4.11 19.31
N GLN A 431 43.41 3.60 18.31
CA GLN A 431 44.72 4.11 17.98
C GLN A 431 44.62 5.29 17.03
N GLN A 432 45.57 6.20 17.16
CA GLN A 432 45.50 7.46 16.44
C GLN A 432 45.67 7.22 14.94
N SER A 433 44.65 7.59 14.17
CA SER A 433 44.70 7.52 12.71
C SER A 433 45.80 8.40 12.16
N ALA A 434 46.00 8.37 10.86
CA ALA A 434 46.92 9.34 10.28
C ALA A 434 46.32 10.75 10.22
N PHE A 435 45.23 10.99 10.93
CA PHE A 435 44.52 12.25 10.89
C PHE A 435 44.26 12.82 12.27
N GLY A 436 44.77 12.19 13.32
CA GLY A 436 44.66 12.77 14.63
C GLY A 436 43.48 12.28 15.41
N LYS A 437 42.71 11.37 14.83
CA LYS A 437 41.56 10.89 15.53
C LYS A 437 41.67 9.38 15.73
N PRO A 438 41.07 8.86 16.79
CA PRO A 438 41.01 7.41 16.92
C PRO A 438 40.49 6.76 15.64
N PHE A 439 41.06 5.59 15.35
CA PHE A 439 40.41 4.65 14.46
C PHE A 439 39.18 4.04 15.13
N GLY A 440 38.30 3.47 14.30
CA GLY A 440 37.04 2.89 14.75
C GLY A 440 37.11 1.37 14.86
N SER A 441 35.94 0.73 14.92
CA SER A 441 35.88 -0.71 14.76
C SER A 441 35.43 -1.02 13.34
N VAL A 442 35.56 -2.28 12.94
CA VAL A 442 35.19 -2.59 11.56
C VAL A 442 33.68 -2.70 11.43
N SER A 443 32.99 -3.02 12.53
CA SER A 443 31.54 -3.04 12.55
C SER A 443 31.05 -1.70 13.02
N PRO A 444 30.42 -0.92 12.15
CA PRO A 444 29.80 0.35 12.55
C PRO A 444 28.82 0.12 13.69
N PRO A 445 28.29 1.20 14.28
CA PRO A 445 27.47 1.05 15.48
C PRO A 445 26.10 0.47 15.20
N LEU A 446 25.70 -0.46 16.06
CA LEU A 446 24.42 -1.15 15.98
C LEU A 446 23.37 -0.58 16.92
C1 NAG B . -16.03 15.56 -27.35
C2 NAG B . -15.46 16.86 -27.93
C3 NAG B . -15.61 17.99 -26.92
C4 NAG B . -17.08 18.17 -26.58
C5 NAG B . -17.59 16.85 -26.01
C6 NAG B . -19.05 16.88 -25.61
C7 NAG B . -13.70 16.74 -29.60
C8 NAG B . -12.25 16.60 -29.86
N2 NAG B . -14.08 16.71 -28.32
O3 NAG B . -15.04 19.21 -27.38
O4 NAG B . -17.24 19.28 -25.71
O5 NAG B . -17.42 15.77 -26.95
O6 NAG B . -19.36 18.05 -24.87
O7 NAG B . -14.51 16.87 -30.51
#